data_4YQY
#
_entry.id   4YQY
#
_cell.length_a   84.795
_cell.length_b   84.795
_cell.length_c   126.160
_cell.angle_alpha   90.000
_cell.angle_beta   90.000
_cell.angle_gamma   90.000
#
_symmetry.space_group_name_H-M   'P 41 21 2'
#
loop_
_entity.id
_entity.type
_entity.pdbx_description
1 polymer 'Putative Dehydrogenase'
2 non-polymer 'MAGNESIUM ION'
3 water water
#
_entity_poly.entity_id   1
_entity_poly.type   'polypeptide(L)'
_entity_poly.pdbx_seq_one_letter_code
;(MSE)HHHHHHSSGVDLGTENLYFQS(MSE)DLKGKTAIVTGGRGDIGRACVLELAARGANVAINY(MSE)ASSEGADSA
VAEIKAAGGNAFALQGD(MSE)TKEADVAALVEKTVKEFGQVDTLVHVTGGLIARVT(MSE)SE(MSE)TLDHWQSV
(MSE)DVNLTSFVL(MSE)VRECLPH(MSE)TEGSSIVGLASQAGRDGGGPGASAYGASKGAL(MSE)TLTRGLAKELGP
KIRVNSLCPG(MSE)IDTDFHNIFTKPEVRTHVANVSPVKREGTSEDVAKLAVFLASDDAAFITGANVDINGG(MSE)LF
S
;
_entity_poly.pdbx_strand_id   A,B
#
loop_
_chem_comp.id
_chem_comp.type
_chem_comp.name
_chem_comp.formula
MG non-polymer 'MAGNESIUM ION' 'Mg 2'
#
# COMPACT_ATOMS: atom_id res chain seq x y z
N LEU A 13 -6.40 22.44 -41.88
CA LEU A 13 -7.31 21.54 -41.18
C LEU A 13 -6.54 20.50 -40.37
N GLY A 14 -5.32 20.21 -40.77
CA GLY A 14 -4.44 19.37 -39.98
C GLY A 14 -4.26 20.01 -38.62
N THR A 15 -4.22 21.35 -38.63
CA THR A 15 -4.24 22.14 -37.41
C THR A 15 -5.51 21.94 -36.62
N GLU A 16 -6.64 22.19 -37.29
CA GLU A 16 -7.95 22.17 -36.66
C GLU A 16 -8.18 20.84 -35.97
N ASN A 17 -7.75 19.76 -36.61
CA ASN A 17 -7.84 18.44 -36.01
C ASN A 17 -6.97 18.37 -34.75
N LEU A 18 -5.76 18.92 -34.82
CA LEU A 18 -4.87 18.98 -33.67
C LEU A 18 -5.48 19.77 -32.53
N TYR A 19 -6.02 20.95 -32.85
CA TYR A 19 -6.65 21.79 -31.84
C TYR A 19 -7.84 21.06 -31.22
N PHE A 20 -8.65 20.43 -32.07
CA PHE A 20 -9.82 19.69 -31.57
C PHE A 20 -9.41 18.59 -30.60
N GLN A 21 -8.35 17.86 -30.95
CA GLN A 21 -7.87 16.76 -30.11
C GLN A 21 -7.20 17.24 -28.83
N SER A 22 -6.50 18.37 -28.91
CA SER A 22 -5.76 18.88 -27.76
C SER A 22 -6.70 19.51 -26.72
N MSE A 23 -7.81 20.05 -27.18
CA MSE A 23 -8.72 20.78 -26.29
C MSE A 23 -9.88 19.90 -25.86
O MSE A 23 -11.04 20.23 -26.13
CB MSE A 23 -9.22 22.06 -26.97
CG MSE A 23 -8.08 22.93 -27.47
SE MSE A 23 -6.91 23.54 -26.03
CE MSE A 23 -7.94 25.15 -25.57
N ASP A 24 -9.58 18.80 -25.18
CA ASP A 24 -10.59 17.80 -24.86
C ASP A 24 -11.53 18.25 -23.75
N LEU A 25 -11.15 19.31 -23.03
CA LEU A 25 -12.03 19.83 -21.98
C LEU A 25 -12.83 21.05 -22.45
N LYS A 26 -12.78 21.35 -23.73
CA LYS A 26 -13.57 22.45 -24.27
C LYS A 26 -15.06 22.21 -24.03
N GLY A 27 -15.74 23.24 -23.54
CA GLY A 27 -17.15 23.13 -23.23
C GLY A 27 -17.41 22.68 -21.80
N LYS A 28 -16.36 22.28 -21.09
CA LYS A 28 -16.48 21.78 -19.72
C LYS A 28 -16.08 22.85 -18.70
N THR A 29 -16.57 22.68 -17.47
CA THR A 29 -16.29 23.63 -16.40
C THR A 29 -15.70 22.95 -15.18
N ALA A 30 -14.58 23.49 -14.70
CA ALA A 30 -13.87 23.00 -13.53
C ALA A 30 -13.93 23.99 -12.39
N ILE A 31 -14.02 23.47 -11.18
CA ILE A 31 -13.76 24.26 -9.99
C ILE A 31 -12.44 23.77 -9.40
N VAL A 32 -11.53 24.71 -9.14
CA VAL A 32 -10.32 24.39 -8.38
C VAL A 32 -10.34 25.17 -7.10
N THR A 33 -10.27 24.45 -5.98
CA THR A 33 -10.13 25.12 -4.69
C THR A 33 -8.66 25.14 -4.33
N GLY A 34 -8.25 26.17 -3.61
CA GLY A 34 -6.85 26.31 -3.28
C GLY A 34 -6.01 26.73 -4.48
N GLY A 35 -6.60 27.48 -5.40
CA GLY A 35 -5.84 28.17 -6.44
C GLY A 35 -4.97 29.19 -5.73
N ARG A 36 -5.36 29.39 -4.49
CA ARG A 36 -4.56 29.90 -3.37
C ARG A 36 -3.07 29.49 -3.37
N GLY A 37 -2.75 28.21 -3.64
CA GLY A 37 -1.39 27.72 -3.56
C GLY A 37 -0.78 27.20 -4.85
N ASP A 38 0.51 26.86 -4.83
CA ASP A 38 1.25 26.43 -6.02
C ASP A 38 0.62 25.32 -6.83
N ILE A 39 0.32 24.20 -6.18
CA ILE A 39 -0.32 23.08 -6.85
C ILE A 39 -1.66 23.49 -7.45
N GLY A 40 -2.43 24.26 -6.69
CA GLY A 40 -3.73 24.71 -7.17
C GLY A 40 -3.65 25.55 -8.43
N ARG A 41 -2.75 26.53 -8.44
CA ARG A 41 -2.60 27.40 -9.60
C ARG A 41 -2.11 26.61 -10.81
N ALA A 42 -1.22 25.65 -10.59
CA ALA A 42 -0.74 24.81 -11.68
C ALA A 42 -1.88 23.98 -12.27
N CYS A 43 -2.77 23.48 -11.40
CA CYS A 43 -3.93 22.72 -11.86
C CYS A 43 -4.87 23.60 -12.68
N VAL A 44 -5.11 24.81 -12.19
CA VAL A 44 -5.91 25.79 -12.92
C VAL A 44 -5.41 25.94 -14.34
N LEU A 45 -4.11 26.16 -14.49
CA LEU A 45 -3.58 26.44 -15.82
C LEU A 45 -3.60 25.19 -16.70
N GLU A 46 -3.36 24.03 -16.10
CA GLU A 46 -3.39 22.78 -16.87
C GLU A 46 -4.81 22.48 -17.40
N LEU A 47 -5.81 22.72 -16.56
CA LEU A 47 -7.21 22.54 -16.98
C LEU A 47 -7.58 23.50 -18.11
N ALA A 48 -7.24 24.77 -17.94
CA ALA A 48 -7.51 25.77 -18.97
C ALA A 48 -6.76 25.47 -20.28
N ALA A 49 -5.57 24.91 -20.18
CA ALA A 49 -4.77 24.61 -21.37
C ALA A 49 -5.45 23.57 -22.25
N ARG A 50 -6.37 22.80 -21.67
CA ARG A 50 -7.10 21.82 -22.46
C ARG A 50 -8.54 22.26 -22.73
N GLY A 51 -8.83 23.52 -22.42
CA GLY A 51 -10.07 24.14 -22.83
C GLY A 51 -11.13 24.36 -21.77
N ALA A 52 -10.87 23.92 -20.55
CA ALA A 52 -11.86 24.05 -19.49
C ALA A 52 -12.10 25.51 -19.08
N ASN A 53 -13.36 25.86 -18.81
CA ASN A 53 -13.66 27.03 -18.00
C ASN A 53 -13.22 26.74 -16.60
N VAL A 54 -12.63 27.71 -15.90
CA VAL A 54 -12.19 27.43 -14.53
C VAL A 54 -12.68 28.47 -13.52
N ALA A 55 -13.35 28.00 -12.48
CA ALA A 55 -13.68 28.82 -11.32
C ALA A 55 -12.65 28.53 -10.23
N ILE A 56 -12.01 29.60 -9.76
CA ILE A 56 -10.85 29.48 -8.88
C ILE A 56 -11.12 30.03 -7.48
N ASN A 57 -11.11 29.14 -6.49
CA ASN A 57 -11.11 29.59 -5.11
C ASN A 57 -9.69 29.89 -4.64
N TYR A 58 -9.55 30.94 -3.83
CA TYR A 58 -8.32 31.13 -3.08
C TYR A 58 -8.67 31.62 -1.68
N MSE A 59 -7.78 31.39 -0.70
CA MSE A 59 -8.07 31.74 0.69
C MSE A 59 -7.56 33.11 1.12
O MSE A 59 -8.27 33.87 1.79
CB MSE A 59 -7.45 30.67 1.62
CG MSE A 59 -7.56 30.98 3.12
SE MSE A 59 -9.40 31.14 3.72
CE MSE A 59 -9.10 31.22 5.65
N ALA A 60 -6.33 33.43 0.74
CA ALA A 60 -5.68 34.64 1.22
C ALA A 60 -5.37 35.60 0.07
N SER A 61 -4.09 35.74 -0.26
CA SER A 61 -3.71 36.63 -1.35
C SER A 61 -4.30 36.18 -2.68
N SER A 62 -4.80 37.14 -3.45
CA SER A 62 -5.39 36.85 -4.76
C SER A 62 -4.39 36.93 -5.89
N GLU A 63 -3.13 37.24 -5.57
CA GLU A 63 -2.15 37.55 -6.61
C GLU A 63 -2.03 36.48 -7.70
N GLY A 64 -1.86 35.23 -7.29
CA GLY A 64 -1.67 34.14 -8.22
C GLY A 64 -2.97 33.77 -8.92
N ALA A 65 -4.09 33.92 -8.23
CA ALA A 65 -5.38 33.67 -8.86
C ALA A 65 -5.71 34.73 -9.92
N ASP A 66 -5.50 36.00 -9.60
CA ASP A 66 -5.76 37.09 -10.56
C ASP A 66 -4.90 36.92 -11.80
N SER A 67 -3.63 36.57 -11.60
CA SER A 67 -2.74 36.47 -12.75
C SER A 67 -3.09 35.24 -13.60
N ALA A 68 -3.52 34.16 -12.96
CA ALA A 68 -3.97 32.98 -13.71
C ALA A 68 -5.19 33.32 -14.55
N VAL A 69 -6.16 34.02 -13.97
CA VAL A 69 -7.34 34.45 -14.71
C VAL A 69 -6.95 35.28 -15.92
N ALA A 70 -6.02 36.21 -15.74
CA ALA A 70 -5.60 37.08 -16.83
C ALA A 70 -4.89 36.28 -17.94
N GLU A 71 -4.04 35.34 -17.54
CA GLU A 71 -3.35 34.50 -18.52
C GLU A 71 -4.35 33.68 -19.32
N ILE A 72 -5.34 33.15 -18.63
CA ILE A 72 -6.33 32.30 -19.31
C ILE A 72 -7.12 33.14 -20.30
N LYS A 73 -7.56 34.32 -19.87
CA LYS A 73 -8.33 35.18 -20.75
C LYS A 73 -7.53 35.65 -21.95
N ALA A 74 -6.24 35.94 -21.75
CA ALA A 74 -5.39 36.38 -22.86
C ALA A 74 -5.21 35.29 -23.92
N ALA A 75 -5.32 34.03 -23.50
CA ALA A 75 -5.18 32.90 -24.41
C ALA A 75 -6.52 32.49 -25.01
N GLY A 76 -7.56 33.26 -24.70
CA GLY A 76 -8.87 33.05 -25.28
C GLY A 76 -9.80 32.18 -24.46
N GLY A 77 -9.40 31.88 -23.22
CA GLY A 77 -10.21 31.05 -22.36
C GLY A 77 -11.09 31.86 -21.41
N ASN A 78 -11.68 31.17 -20.44
CA ASN A 78 -12.56 31.81 -19.50
C ASN A 78 -12.33 31.29 -18.09
N ALA A 79 -12.22 32.22 -17.15
CA ALA A 79 -12.01 31.88 -15.76
C ALA A 79 -12.41 33.03 -14.88
N PHE A 80 -12.68 32.76 -13.61
CA PHE A 80 -12.78 33.80 -12.61
C PHE A 80 -12.27 33.27 -11.30
N ALA A 81 -11.98 34.17 -10.38
CA ALA A 81 -11.52 33.83 -9.05
C ALA A 81 -12.45 34.42 -7.99
N LEU A 82 -12.46 33.79 -6.82
CA LEU A 82 -13.33 34.18 -5.72
C LEU A 82 -12.66 33.84 -4.39
N GLN A 83 -12.48 34.81 -3.52
CA GLN A 83 -11.94 34.49 -2.19
C GLN A 83 -12.95 33.68 -1.39
N GLY A 84 -12.48 32.67 -0.67
CA GLY A 84 -13.36 31.99 0.25
C GLY A 84 -12.64 31.00 1.15
N ASP A 85 -13.27 30.73 2.28
CA ASP A 85 -12.83 29.74 3.26
C ASP A 85 -13.61 28.45 3.03
N MSE A 86 -12.94 27.42 2.51
CA MSE A 86 -13.63 26.19 2.15
C MSE A 86 -14.04 25.33 3.35
O MSE A 86 -14.63 24.27 3.15
CB MSE A 86 -12.78 25.38 1.18
CG MSE A 86 -12.52 26.11 -0.16
SE MSE A 86 -14.11 26.47 -1.24
CE MSE A 86 -14.76 28.14 -0.42
N THR A 87 -13.74 25.78 4.56
CA THR A 87 -14.27 25.13 5.76
C THR A 87 -15.61 25.72 6.17
N LYS A 88 -16.05 26.77 5.48
CA LYS A 88 -17.29 27.45 5.82
C LYS A 88 -18.39 27.12 4.83
N GLU A 89 -19.52 26.65 5.34
CA GLU A 89 -20.64 26.26 4.47
C GLU A 89 -21.09 27.41 3.56
N ALA A 90 -21.13 28.63 4.07
CA ALA A 90 -21.60 29.76 3.26
C ALA A 90 -20.66 30.03 2.08
N ASP A 91 -19.35 29.96 2.32
CA ASP A 91 -18.39 30.24 1.26
C ASP A 91 -18.42 29.16 0.21
N VAL A 92 -18.55 27.91 0.64
CA VAL A 92 -18.67 26.78 -0.26
C VAL A 92 -19.92 26.94 -1.15
N ALA A 93 -21.04 27.30 -0.55
CA ALA A 93 -22.25 27.52 -1.33
C ALA A 93 -22.08 28.67 -2.32
N ALA A 94 -21.45 29.76 -1.88
CA ALA A 94 -21.27 30.91 -2.77
C ALA A 94 -20.39 30.56 -3.98
N LEU A 95 -19.33 29.81 -3.76
CA LEU A 95 -18.44 29.45 -4.85
C LEU A 95 -19.17 28.64 -5.91
N VAL A 96 -19.91 27.63 -5.48
CA VAL A 96 -20.60 26.77 -6.44
C VAL A 96 -21.74 27.54 -7.13
N GLU A 97 -22.49 28.33 -6.36
CA GLU A 97 -23.54 29.14 -6.95
C GLU A 97 -22.99 30.08 -8.02
N LYS A 98 -21.87 30.76 -7.73
CA LYS A 98 -21.32 31.68 -8.71
C LYS A 98 -20.74 30.95 -9.92
N THR A 99 -20.19 29.76 -9.71
CA THR A 99 -19.72 28.95 -10.83
C THR A 99 -20.86 28.57 -11.77
N VAL A 100 -21.96 28.10 -11.21
CA VAL A 100 -23.08 27.68 -12.06
C VAL A 100 -23.75 28.89 -12.72
N LYS A 101 -23.86 30.00 -12.00
CA LYS A 101 -24.44 31.20 -12.59
C LYS A 101 -23.61 31.69 -13.78
N GLU A 102 -22.29 31.54 -13.69
CA GLU A 102 -21.40 31.99 -14.75
C GLU A 102 -21.33 31.01 -15.92
N PHE A 103 -21.25 29.71 -15.62
CA PHE A 103 -20.92 28.73 -16.66
C PHE A 103 -22.05 27.72 -16.94
N GLY A 104 -22.98 27.59 -16.01
CA GLY A 104 -24.18 26.79 -16.24
C GLY A 104 -24.09 25.34 -15.84
N GLN A 105 -22.90 24.89 -15.45
CA GLN A 105 -22.66 23.48 -15.14
C GLN A 105 -21.35 23.31 -14.38
N VAL A 106 -21.18 22.15 -13.75
CA VAL A 106 -19.90 21.76 -13.14
C VAL A 106 -19.55 20.37 -13.62
N ASP A 107 -18.38 20.21 -14.24
CA ASP A 107 -17.94 18.93 -14.75
C ASP A 107 -16.82 18.30 -13.93
N THR A 108 -16.00 19.12 -13.28
CA THR A 108 -14.95 18.55 -12.48
C THR A 108 -14.61 19.46 -11.30
N LEU A 109 -14.26 18.81 -10.19
CA LEU A 109 -13.78 19.45 -8.99
C LEU A 109 -12.37 18.97 -8.72
N VAL A 110 -11.43 19.91 -8.58
CA VAL A 110 -10.09 19.56 -8.14
C VAL A 110 -9.87 20.29 -6.84
N HIS A 111 -9.81 19.55 -5.73
CA HIS A 111 -9.84 20.16 -4.41
C HIS A 111 -8.43 20.23 -3.82
N VAL A 112 -7.79 21.39 -3.90
CA VAL A 112 -6.41 21.53 -3.42
C VAL A 112 -6.31 22.23 -2.07
N THR A 113 -7.45 22.52 -1.47
CA THR A 113 -7.46 23.04 -0.11
C THR A 113 -6.90 22.02 0.88
N GLY A 114 -6.00 22.44 1.77
CA GLY A 114 -5.44 21.54 2.75
C GLY A 114 -4.27 22.16 3.47
N GLY A 115 -3.64 21.40 4.35
CA GLY A 115 -2.44 21.89 5.02
C GLY A 115 -2.15 21.25 6.36
N LEU A 116 -0.88 21.30 6.74
CA LEU A 116 -0.39 20.79 8.01
C LEU A 116 -0.84 21.61 9.22
N ILE A 117 -0.93 22.93 9.00
CA ILE A 117 -1.26 23.97 9.99
C ILE A 117 -0.12 24.20 10.97
N ALA A 118 0.26 23.18 11.73
CA ALA A 118 1.39 23.28 12.64
C ALA A 118 1.84 21.89 13.06
N ARG A 119 3.08 21.80 13.55
CA ARG A 119 3.58 20.54 14.08
C ARG A 119 3.27 20.46 15.58
N VAL A 120 2.46 19.47 15.93
CA VAL A 120 1.97 19.27 17.28
C VAL A 120 2.03 17.77 17.60
N THR A 121 2.69 17.41 18.69
CA THR A 121 2.75 16.01 19.08
C THR A 121 1.45 15.61 19.77
N MSE A 122 1.19 14.31 19.82
CA MSE A 122 -0.02 13.80 20.44
C MSE A 122 -0.07 14.13 21.92
O MSE A 122 -1.15 14.39 22.46
CB MSE A 122 -0.14 12.29 20.21
CG MSE A 122 -1.42 11.66 20.79
SE MSE A 122 -3.07 12.45 20.12
CE MSE A 122 -2.93 11.92 18.25
N SER A 123 1.09 14.15 22.58
CA SER A 123 1.13 14.45 24.01
C SER A 123 0.67 15.88 24.28
N GLU A 124 0.91 16.77 23.33
CA GLU A 124 0.52 18.17 23.42
C GLU A 124 -0.70 18.51 22.59
N MSE A 125 -1.41 17.49 22.13
CA MSE A 125 -2.55 17.71 21.24
C MSE A 125 -3.68 18.49 21.90
O MSE A 125 -3.97 18.32 23.08
CB MSE A 125 -3.08 16.36 20.73
CG MSE A 125 -4.19 16.46 19.70
SE MSE A 125 -3.67 17.45 18.10
CE MSE A 125 -2.16 16.34 17.56
N THR A 126 -4.31 19.37 21.13
CA THR A 126 -5.51 20.07 21.57
C THR A 126 -6.64 19.73 20.60
N LEU A 127 -7.87 19.77 21.08
CA LEU A 127 -9.01 19.57 20.18
C LEU A 127 -9.05 20.68 19.12
N ASP A 128 -8.65 21.89 19.49
CA ASP A 128 -8.62 22.99 18.53
C ASP A 128 -7.72 22.67 17.35
N HIS A 129 -6.51 22.19 17.62
CA HIS A 129 -5.61 21.86 16.53
C HIS A 129 -6.14 20.69 15.70
N TRP A 130 -6.59 19.64 16.39
CA TRP A 130 -7.09 18.44 15.71
C TRP A 130 -8.24 18.80 14.76
N GLN A 131 -9.20 19.54 15.29
CA GLN A 131 -10.38 19.96 14.53
C GLN A 131 -9.98 20.83 13.34
N SER A 132 -9.05 21.76 13.56
CA SER A 132 -8.62 22.66 12.49
C SER A 132 -7.97 21.90 11.33
N VAL A 133 -7.15 20.91 11.66
CA VAL A 133 -6.52 20.11 10.61
C VAL A 133 -7.54 19.25 9.89
N MSE A 134 -8.45 18.61 10.64
CA MSE A 134 -9.50 17.85 9.99
C MSE A 134 -10.35 18.73 9.07
O MSE A 134 -10.70 18.33 7.96
CB MSE A 134 -10.42 17.18 11.01
CG MSE A 134 -9.72 16.17 11.92
SE MSE A 134 -9.14 14.58 10.97
CE MSE A 134 -10.91 13.85 10.61
N ASP A 135 -10.67 19.94 9.52
CA ASP A 135 -11.57 20.76 8.73
C ASP A 135 -10.93 21.27 7.44
N VAL A 136 -9.69 21.72 7.50
CA VAL A 136 -9.10 22.28 6.30
C VAL A 136 -8.81 21.19 5.26
N ASN A 137 -8.47 19.99 5.72
CA ASN A 137 -8.12 18.90 4.79
C ASN A 137 -9.26 18.00 4.37
N LEU A 138 -10.20 17.74 5.27
CA LEU A 138 -11.21 16.72 5.03
C LEU A 138 -12.61 17.32 4.96
N THR A 139 -13.02 18.08 5.99
CA THR A 139 -14.35 18.66 5.98
C THR A 139 -14.56 19.55 4.76
N SER A 140 -13.54 20.30 4.37
CA SER A 140 -13.62 21.17 3.20
C SER A 140 -13.95 20.38 1.94
N PHE A 141 -13.40 19.18 1.83
CA PHE A 141 -13.66 18.30 0.70
C PHE A 141 -15.09 17.77 0.74
N VAL A 142 -15.53 17.33 1.92
CA VAL A 142 -16.92 16.91 2.14
C VAL A 142 -17.89 18.01 1.72
N LEU A 143 -17.64 19.23 2.17
CA LEU A 143 -18.53 20.34 1.85
C LEU A 143 -18.57 20.60 0.34
N MSE A 144 -17.41 20.61 -0.29
CA MSE A 144 -17.38 20.89 -1.72
C MSE A 144 -18.04 19.81 -2.56
O MSE A 144 -18.76 20.10 -3.51
CB MSE A 144 -15.96 21.12 -2.20
CG MSE A 144 -15.44 22.52 -1.90
SE MSE A 144 -16.46 23.94 -2.79
CE MSE A 144 -16.27 23.33 -4.62
N VAL A 145 -17.80 18.54 -2.21
CA VAL A 145 -18.43 17.46 -2.95
C VAL A 145 -19.94 17.54 -2.78
N ARG A 146 -20.42 17.67 -1.54
CA ARG A 146 -21.85 17.80 -1.31
C ARG A 146 -22.46 18.94 -2.14
N GLU A 147 -21.77 20.07 -2.17
CA GLU A 147 -22.29 21.25 -2.85
C GLU A 147 -22.34 21.07 -4.36
N CYS A 148 -21.40 20.30 -4.89
CA CYS A 148 -21.30 20.07 -6.33
C CYS A 148 -22.26 19.03 -6.85
N LEU A 149 -22.65 18.05 -6.04
CA LEU A 149 -23.45 16.93 -6.55
C LEU A 149 -24.74 17.31 -7.29
N PRO A 150 -25.48 18.34 -6.83
CA PRO A 150 -26.69 18.66 -7.60
C PRO A 150 -26.43 19.13 -9.03
N HIS A 151 -25.18 19.51 -9.32
CA HIS A 151 -24.80 20.15 -10.59
C HIS A 151 -23.91 19.30 -11.48
N MSE A 152 -23.51 18.14 -11.00
CA MSE A 152 -22.55 17.37 -11.80
C MSE A 152 -23.24 16.54 -12.86
O MSE A 152 -24.33 16.03 -12.67
CB MSE A 152 -21.67 16.53 -10.90
CG MSE A 152 -20.56 17.39 -10.37
SE MSE A 152 -19.22 16.43 -9.42
CE MSE A 152 -17.67 17.61 -9.75
N THR A 153 -22.54 16.43 -13.98
CA THR A 153 -23.07 15.87 -15.21
C THR A 153 -22.67 14.40 -15.34
N GLU A 154 -23.33 13.70 -16.26
CA GLU A 154 -22.83 12.42 -16.71
C GLU A 154 -21.37 12.58 -17.12
N GLY A 155 -20.48 11.75 -16.61
CA GLY A 155 -19.09 11.81 -17.02
C GLY A 155 -18.25 12.80 -16.24
N SER A 156 -18.77 13.29 -15.11
N SER A 156 -18.79 13.26 -15.11
CA SER A 156 -18.01 14.25 -14.33
CA SER A 156 -18.09 14.21 -14.24
C SER A 156 -17.01 13.56 -13.42
C SER A 156 -17.00 13.54 -13.41
N SER A 157 -16.12 14.33 -12.82
CA SER A 157 -15.05 13.79 -12.01
C SER A 157 -14.67 14.68 -10.83
N ILE A 158 -14.16 14.04 -9.79
CA ILE A 158 -13.65 14.69 -8.60
C ILE A 158 -12.23 14.21 -8.37
N VAL A 159 -11.32 15.15 -8.10
CA VAL A 159 -9.94 14.84 -7.79
C VAL A 159 -9.59 15.45 -6.44
N GLY A 160 -9.24 14.60 -5.47
CA GLY A 160 -8.76 15.09 -4.19
C GLY A 160 -7.25 15.12 -4.10
N LEU A 161 -6.76 15.92 -3.16
CA LEU A 161 -5.33 16.02 -2.90
C LEU A 161 -5.06 15.42 -1.54
N ALA A 162 -4.65 14.15 -1.54
CA ALA A 162 -4.25 13.50 -0.31
C ALA A 162 -2.75 13.73 -0.14
N SER A 163 -2.02 12.73 0.34
CA SER A 163 -0.59 12.89 0.60
C SER A 163 0.05 11.55 0.83
N GLN A 164 1.36 11.45 0.57
CA GLN A 164 2.11 10.31 1.07
C GLN A 164 1.87 10.11 2.58
N ALA A 165 1.60 11.19 3.28
CA ALA A 165 1.31 11.14 4.72
C ALA A 165 0.12 10.23 5.03
N GLY A 166 -0.85 10.12 4.11
CA GLY A 166 -1.95 9.19 4.31
C GLY A 166 -1.48 7.75 4.36
N ARG A 167 -0.42 7.45 3.62
CA ARG A 167 0.10 6.09 3.60
C ARG A 167 1.13 5.77 4.68
N ASP A 168 1.91 6.75 5.11
CA ASP A 168 2.93 6.43 6.11
C ASP A 168 2.77 7.14 7.46
N GLY A 169 1.67 7.86 7.65
CA GLY A 169 1.43 8.54 8.91
C GLY A 169 1.91 9.97 8.97
N GLY A 170 2.78 10.37 8.04
CA GLY A 170 3.30 11.72 8.02
C GLY A 170 4.53 11.92 8.87
N GLY A 171 5.05 13.15 8.87
CA GLY A 171 6.29 13.46 9.53
C GLY A 171 6.12 13.88 10.97
N PRO A 172 7.21 14.33 11.60
CA PRO A 172 7.17 14.71 13.02
C PRO A 172 6.13 15.78 13.33
N GLY A 173 5.27 15.50 14.30
CA GLY A 173 4.25 16.46 14.72
C GLY A 173 3.10 16.59 13.72
N ALA A 174 3.04 15.70 12.74
CA ALA A 174 2.04 15.80 11.68
C ALA A 174 0.96 14.70 11.77
N SER A 175 0.76 14.15 12.96
CA SER A 175 -0.16 13.01 13.07
C SER A 175 -1.60 13.38 12.70
N ALA A 176 -2.05 14.58 13.05
CA ALA A 176 -3.38 15.04 12.63
C ALA A 176 -3.48 15.17 11.11
N TYR A 177 -2.41 15.69 10.51
CA TYR A 177 -2.37 15.89 9.06
C TYR A 177 -2.45 14.54 8.35
N GLY A 178 -1.64 13.60 8.79
CA GLY A 178 -1.70 12.25 8.24
C GLY A 178 -3.09 11.65 8.37
N ALA A 179 -3.69 11.76 9.55
CA ALA A 179 -5.02 11.22 9.79
C ALA A 179 -6.05 11.80 8.81
N SER A 180 -6.01 13.12 8.62
CA SER A 180 -6.96 13.74 7.72
C SER A 180 -6.77 13.27 6.28
N LYS A 181 -5.52 13.05 5.87
CA LYS A 181 -5.25 12.60 4.51
C LYS A 181 -5.61 11.11 4.32
N GLY A 182 -5.41 10.28 5.34
CA GLY A 182 -5.87 8.89 5.28
C GLY A 182 -7.37 8.83 5.19
N ALA A 183 -8.07 9.70 5.93
CA ALA A 183 -9.52 9.78 5.81
C ALA A 183 -9.95 10.13 4.38
N LEU A 184 -9.25 11.09 3.78
CA LEU A 184 -9.56 11.50 2.41
C LEU A 184 -9.32 10.36 1.42
N MSE A 185 -8.25 9.60 1.64
CA MSE A 185 -8.00 8.42 0.79
C MSE A 185 -9.14 7.42 0.86
O MSE A 185 -9.60 6.93 -0.17
CB MSE A 185 -6.69 7.73 1.20
CG MSE A 185 -5.46 8.53 0.84
SE MSE A 185 -3.84 7.69 1.46
CE MSE A 185 -3.95 6.06 0.42
N THR A 186 -9.60 7.12 2.06
CA THR A 186 -10.68 6.16 2.20
C THR A 186 -11.98 6.72 1.59
N LEU A 187 -12.25 7.99 1.87
CA LEU A 187 -13.46 8.64 1.37
C LEU A 187 -13.50 8.61 -0.16
N THR A 188 -12.33 8.73 -0.78
CA THR A 188 -12.21 8.65 -2.23
C THR A 188 -12.79 7.33 -2.73
N ARG A 189 -12.47 6.24 -2.02
CA ARG A 189 -12.97 4.91 -2.34
C ARG A 189 -14.47 4.82 -2.10
N GLY A 190 -14.92 5.31 -0.94
CA GLY A 190 -16.33 5.27 -0.62
C GLY A 190 -17.17 6.04 -1.62
N LEU A 191 -16.71 7.22 -2.00
CA LEU A 191 -17.43 8.03 -2.96
C LEU A 191 -17.34 7.46 -4.39
N ALA A 192 -16.23 6.83 -4.74
CA ALA A 192 -16.16 6.19 -6.05
C ALA A 192 -17.28 5.15 -6.20
N LYS A 193 -17.56 4.41 -5.13
CA LYS A 193 -18.65 3.46 -5.15
C LYS A 193 -20.02 4.14 -5.09
N GLU A 194 -20.18 5.14 -4.23
CA GLU A 194 -21.48 5.77 -4.05
C GLU A 194 -21.91 6.56 -5.28
N LEU A 195 -20.93 7.20 -5.93
CA LEU A 195 -21.25 8.15 -6.99
C LEU A 195 -21.07 7.62 -8.41
N GLY A 196 -20.43 6.45 -8.55
CA GLY A 196 -20.31 5.85 -9.87
C GLY A 196 -21.62 5.20 -10.27
N PRO A 197 -21.87 5.08 -11.59
CA PRO A 197 -20.98 5.39 -12.72
C PRO A 197 -20.99 6.84 -13.16
N LYS A 198 -21.90 7.65 -12.64
CA LYS A 198 -22.04 9.03 -13.09
C LYS A 198 -20.76 9.84 -12.89
N ILE A 199 -20.14 9.67 -11.72
CA ILE A 199 -19.01 10.49 -11.30
C ILE A 199 -17.84 9.60 -10.91
N ARG A 200 -16.65 9.90 -11.41
CA ARG A 200 -15.43 9.23 -10.94
C ARG A 200 -14.79 10.04 -9.82
N VAL A 201 -14.12 9.36 -8.89
CA VAL A 201 -13.50 10.02 -7.75
C VAL A 201 -12.12 9.41 -7.54
N ASN A 202 -11.07 10.24 -7.59
CA ASN A 202 -9.70 9.78 -7.40
C ASN A 202 -8.95 10.81 -6.61
N SER A 203 -7.85 10.41 -5.97
CA SER A 203 -7.02 11.38 -5.28
C SER A 203 -5.54 11.15 -5.59
N LEU A 204 -4.75 12.18 -5.32
CA LEU A 204 -3.31 12.09 -5.49
C LEU A 204 -2.63 11.97 -4.14
N CYS A 205 -1.54 11.22 -4.09
CA CYS A 205 -0.74 11.14 -2.87
C CYS A 205 0.66 11.64 -3.10
N PRO A 206 0.84 12.96 -3.08
CA PRO A 206 2.16 13.52 -3.35
C PRO A 206 3.16 13.33 -2.23
N GLY A 207 4.41 13.13 -2.61
CA GLY A 207 5.54 13.15 -1.69
C GLY A 207 6.02 14.57 -1.49
N MSE A 208 7.33 14.76 -1.50
CA MSE A 208 7.89 16.08 -1.27
C MSE A 208 7.80 16.94 -2.53
O MSE A 208 8.41 16.62 -3.56
CB MSE A 208 9.35 15.96 -0.82
CG MSE A 208 9.97 17.29 -0.50
SE MSE A 208 11.53 17.10 0.63
CE MSE A 208 10.64 17.27 2.36
N ILE A 209 7.04 18.02 -2.44
CA ILE A 209 6.82 18.93 -3.55
C ILE A 209 7.40 20.30 -3.19
N ASP A 210 8.14 20.89 -4.11
CA ASP A 210 8.73 22.21 -3.90
C ASP A 210 7.70 23.32 -4.16
N THR A 211 7.17 23.92 -3.10
CA THR A 211 6.13 24.94 -3.21
C THR A 211 6.30 26.08 -2.20
N ASP A 212 5.68 27.22 -2.44
CA ASP A 212 5.46 28.22 -1.38
C ASP A 212 4.86 27.58 -0.14
N PHE A 213 3.83 26.77 -0.37
CA PHE A 213 2.92 26.37 0.70
C PHE A 213 3.50 25.31 1.66
N HIS A 214 4.07 24.22 1.15
CA HIS A 214 4.62 23.22 2.07
C HIS A 214 5.87 23.68 2.79
N ASN A 215 5.73 23.90 4.09
CA ASN A 215 6.85 24.21 5.00
C ASN A 215 7.72 25.36 4.53
N ARG A 223 14.59 17.21 3.75
CA ARG A 223 14.40 18.17 2.67
C ARG A 223 15.35 17.91 1.51
N THR A 224 16.65 18.08 1.78
CA THR A 224 17.66 17.83 0.78
C THR A 224 17.95 16.33 0.85
N HIS A 225 17.83 15.84 2.09
CA HIS A 225 17.91 14.43 2.48
C HIS A 225 17.17 13.71 1.39
N VAL A 226 15.87 13.97 1.49
CA VAL A 226 14.75 13.25 0.91
C VAL A 226 14.84 13.28 -0.60
N ALA A 227 15.24 14.43 -1.10
CA ALA A 227 15.53 14.59 -2.50
C ALA A 227 16.63 13.60 -2.85
N ASN A 228 17.72 13.62 -2.09
CA ASN A 228 18.87 12.75 -2.35
C ASN A 228 18.48 11.27 -2.20
N VAL A 229 17.79 10.94 -1.12
CA VAL A 229 17.39 9.55 -0.87
C VAL A 229 16.40 9.02 -1.91
N SER A 230 15.66 9.92 -2.55
CA SER A 230 14.62 9.53 -3.49
C SER A 230 15.20 8.95 -4.77
N PRO A 231 14.54 7.91 -5.32
CA PRO A 231 15.02 7.36 -6.58
C PRO A 231 15.14 8.40 -7.68
N VAL A 232 14.26 9.40 -7.73
CA VAL A 232 14.36 10.43 -8.79
C VAL A 232 15.36 11.54 -8.46
N LYS A 233 15.89 11.53 -7.25
CA LYS A 233 16.95 12.46 -6.82
C LYS A 233 16.54 13.94 -6.89
N ARG A 234 15.26 14.22 -6.68
CA ARG A 234 14.77 15.59 -6.65
C ARG A 234 13.44 15.70 -5.93
N GLU A 235 13.05 16.93 -5.61
CA GLU A 235 11.70 17.21 -5.14
C GLU A 235 10.75 17.31 -6.33
N GLY A 236 9.48 17.03 -6.12
CA GLY A 236 8.49 17.18 -7.17
C GLY A 236 8.17 18.65 -7.38
N THR A 237 7.49 18.94 -8.49
CA THR A 237 7.04 20.31 -8.76
C THR A 237 5.52 20.36 -8.77
N SER A 238 4.99 21.57 -8.66
CA SER A 238 3.55 21.78 -8.76
C SER A 238 3.05 21.31 -10.11
N GLU A 239 3.86 21.52 -11.15
CA GLU A 239 3.47 21.08 -12.48
C GLU A 239 3.39 19.55 -12.60
N ASP A 240 4.31 18.84 -11.95
CA ASP A 240 4.21 17.37 -11.89
C ASP A 240 2.83 16.96 -11.36
N VAL A 241 2.44 17.57 -10.26
CA VAL A 241 1.20 17.19 -9.61
C VAL A 241 0.00 17.56 -10.50
N ALA A 242 0.05 18.74 -11.10
CA ALA A 242 -1.03 19.20 -12.00
C ALA A 242 -1.23 18.25 -13.18
N LYS A 243 -0.14 17.74 -13.74
CA LYS A 243 -0.28 16.79 -14.86
C LYS A 243 -1.06 15.55 -14.46
N LEU A 244 -0.78 15.03 -13.28
CA LEU A 244 -1.51 13.86 -12.79
C LEU A 244 -2.95 14.22 -12.46
N ALA A 245 -3.15 15.38 -11.83
CA ALA A 245 -4.50 15.79 -11.46
C ALA A 245 -5.39 15.92 -12.71
N VAL A 246 -4.87 16.54 -13.76
CA VAL A 246 -5.70 16.75 -14.93
C VAL A 246 -5.89 15.44 -15.70
N PHE A 247 -4.88 14.57 -15.71
CA PHE A 247 -5.07 13.23 -16.29
C PHE A 247 -6.26 12.55 -15.62
N LEU A 248 -6.27 12.53 -14.29
CA LEU A 248 -7.34 11.88 -13.54
C LEU A 248 -8.70 12.57 -13.70
N ALA A 249 -8.70 13.88 -13.92
CA ALA A 249 -9.95 14.60 -14.13
C ALA A 249 -10.54 14.33 -15.51
N SER A 250 -9.67 13.97 -16.46
CA SER A 250 -10.04 13.85 -17.88
C SER A 250 -10.61 12.48 -18.25
N ASP A 251 -11.17 12.42 -19.46
CA ASP A 251 -11.71 11.17 -20.00
C ASP A 251 -10.61 10.16 -20.31
N ASP A 252 -9.37 10.59 -20.24
CA ASP A 252 -8.26 9.65 -20.45
C ASP A 252 -8.10 8.71 -19.26
N ALA A 253 -8.84 8.97 -18.18
CA ALA A 253 -8.83 8.13 -16.99
C ALA A 253 -10.21 7.56 -16.73
N ALA A 254 -10.99 7.36 -17.80
CA ALA A 254 -12.37 6.92 -17.65
C ALA A 254 -12.57 5.57 -16.94
N PHE A 255 -11.55 4.71 -16.93
CA PHE A 255 -11.68 3.42 -16.24
C PHE A 255 -10.92 3.41 -14.91
N ILE A 256 -10.53 4.60 -14.43
CA ILE A 256 -9.85 4.75 -13.14
C ILE A 256 -10.77 5.46 -12.18
N THR A 257 -11.19 4.78 -11.12
CA THR A 257 -11.95 5.43 -10.08
C THR A 257 -11.65 4.74 -8.76
N GLY A 258 -11.66 5.54 -7.69
CA GLY A 258 -11.31 5.05 -6.38
C GLY A 258 -9.83 4.89 -6.17
N ALA A 259 -9.02 5.46 -7.06
CA ALA A 259 -7.57 5.31 -6.95
C ALA A 259 -6.99 6.45 -6.12
N ASN A 260 -5.90 6.14 -5.43
CA ASN A 260 -5.10 7.10 -4.68
C ASN A 260 -3.70 6.96 -5.22
N VAL A 261 -3.34 7.83 -6.16
CA VAL A 261 -2.16 7.59 -6.99
C VAL A 261 -0.93 8.24 -6.36
N ASP A 262 0.08 7.42 -6.10
CA ASP A 262 1.32 7.90 -5.51
C ASP A 262 2.15 8.70 -6.51
N ILE A 263 2.54 9.90 -6.09
CA ILE A 263 3.41 10.74 -6.90
C ILE A 263 4.47 11.30 -5.95
N ASN A 264 5.47 10.47 -5.68
CA ASN A 264 6.37 10.76 -4.57
C ASN A 264 7.83 10.52 -4.90
N GLY A 265 8.13 10.39 -6.19
CA GLY A 265 9.51 10.22 -6.64
C GLY A 265 10.15 8.90 -6.26
N GLY A 266 9.30 7.93 -5.91
CA GLY A 266 9.77 6.62 -5.49
C GLY A 266 10.11 6.49 -4.02
N MSE A 267 9.65 7.43 -3.20
CA MSE A 267 9.96 7.38 -1.77
C MSE A 267 9.08 6.41 -1.00
O MSE A 267 9.40 6.04 0.12
CB MSE A 267 9.83 8.77 -1.16
CG MSE A 267 10.98 9.68 -1.51
SE MSE A 267 12.68 9.07 -0.79
CE MSE A 267 12.17 8.90 1.07
N LEU A 268 7.96 6.02 -1.60
CA LEU A 268 7.05 5.08 -0.96
C LEU A 268 6.29 4.32 -2.04
N PHE A 269 6.00 3.04 -1.79
CA PHE A 269 5.30 2.19 -2.75
C PHE A 269 4.00 1.65 -2.15
N SER A 270 2.97 1.56 -2.98
CA SER A 270 1.72 0.94 -2.53
C SER A 270 1.14 0.00 -3.59
N MSE B 23 -2.45 -26.09 25.93
CA MSE B 23 -1.86 -26.64 24.72
C MSE B 23 -2.94 -27.00 23.70
O MSE B 23 -3.38 -28.15 23.62
CB MSE B 23 -0.98 -27.85 25.04
CG MSE B 23 0.31 -27.49 25.75
SE MSE B 23 1.54 -28.99 25.95
CE MSE B 23 2.97 -28.09 26.93
N ASP B 24 -3.34 -26.02 22.91
CA ASP B 24 -4.45 -26.15 21.98
C ASP B 24 -4.11 -26.94 20.71
N LEU B 25 -2.82 -27.22 20.52
CA LEU B 25 -2.39 -27.93 19.33
C LEU B 25 -2.14 -29.41 19.62
N LYS B 26 -2.50 -29.84 20.82
CA LYS B 26 -2.39 -31.24 21.19
C LYS B 26 -3.18 -32.10 20.22
N GLY B 27 -2.54 -33.15 19.71
CA GLY B 27 -3.18 -34.04 18.75
C GLY B 27 -3.04 -33.58 17.31
N LYS B 28 -2.55 -32.36 17.12
CA LYS B 28 -2.41 -31.80 15.77
C LYS B 28 -1.00 -31.99 15.25
N THR B 29 -0.87 -31.99 13.93
CA THR B 29 0.38 -32.29 13.29
C THR B 29 0.82 -31.11 12.41
N ALA B 30 2.05 -30.66 12.61
CA ALA B 30 2.64 -29.56 11.87
C ALA B 30 3.84 -30.03 11.06
N ILE B 31 3.98 -29.48 9.85
CA ILE B 31 5.21 -29.57 9.07
C ILE B 31 5.87 -28.21 9.05
N VAL B 32 7.15 -28.15 9.41
CA VAL B 32 7.94 -26.94 9.27
C VAL B 32 9.07 -27.25 8.29
N THR B 33 9.14 -26.48 7.21
CA THR B 33 10.27 -26.63 6.31
C THR B 33 11.28 -25.53 6.65
N GLY B 34 12.56 -25.78 6.41
CA GLY B 34 13.58 -24.83 6.78
C GLY B 34 13.76 -24.78 8.29
N GLY B 35 13.52 -25.90 8.95
CA GLY B 35 13.54 -25.94 10.40
C GLY B 35 14.93 -26.04 11.00
N ARG B 36 15.94 -25.68 10.22
CA ARG B 36 17.34 -25.93 10.60
C ARG B 36 17.87 -25.14 11.81
N GLY B 37 17.84 -23.79 11.82
CA GLY B 37 17.26 -22.93 10.82
C GLY B 37 16.53 -21.82 11.53
N ASP B 38 17.28 -20.82 12.01
CA ASP B 38 16.79 -19.71 12.84
C ASP B 38 15.27 -19.54 13.01
N ILE B 39 14.61 -18.90 12.05
CA ILE B 39 13.17 -18.72 12.15
C ILE B 39 12.44 -20.07 12.14
N GLY B 40 12.88 -20.99 11.28
CA GLY B 40 12.28 -22.31 11.22
C GLY B 40 12.38 -23.05 12.54
N ARG B 41 13.57 -23.05 13.14
CA ARG B 41 13.75 -23.74 14.42
C ARG B 41 12.86 -23.13 15.50
N ALA B 42 12.79 -21.81 15.54
CA ALA B 42 11.94 -21.13 16.51
C ALA B 42 10.46 -21.51 16.32
N CYS B 43 10.03 -21.63 15.07
CA CYS B 43 8.65 -22.06 14.79
C CYS B 43 8.39 -23.48 15.26
N VAL B 44 9.37 -24.36 15.05
CA VAL B 44 9.29 -25.75 15.50
C VAL B 44 9.02 -25.81 17.00
N LEU B 45 9.80 -25.07 17.78
CA LEU B 45 9.67 -25.13 19.24
C LEU B 45 8.37 -24.51 19.73
N GLU B 46 7.95 -23.42 19.07
CA GLU B 46 6.70 -22.76 19.46
C GLU B 46 5.50 -23.67 19.21
N LEU B 47 5.51 -24.38 18.08
CA LEU B 47 4.44 -25.31 17.75
C LEU B 47 4.41 -26.48 18.74
N ALA B 48 5.58 -27.03 19.05
CA ALA B 48 5.66 -28.15 19.99
C ALA B 48 5.27 -27.71 21.40
N ALA B 49 5.58 -26.47 21.76
CA ALA B 49 5.25 -25.95 23.09
C ALA B 49 3.74 -25.91 23.32
N ARG B 50 2.98 -25.85 22.23
CA ARG B 50 1.53 -25.83 22.32
C ARG B 50 0.96 -27.21 22.01
N GLY B 51 1.85 -28.20 21.93
CA GLY B 51 1.44 -29.59 21.89
C GLY B 51 1.44 -30.30 20.55
N ALA B 52 1.83 -29.59 19.48
CA ALA B 52 1.81 -30.17 18.15
C ALA B 52 2.90 -31.23 17.95
N ASN B 53 2.57 -32.29 17.22
CA ASN B 53 3.59 -33.15 16.60
C ASN B 53 4.27 -32.34 15.53
N VAL B 54 5.59 -32.39 15.42
CA VAL B 54 6.23 -31.58 14.40
C VAL B 54 7.17 -32.40 13.50
N ALA B 55 6.88 -32.37 12.21
CA ALA B 55 7.77 -32.91 11.19
C ALA B 55 8.64 -31.78 10.69
N ILE B 56 9.95 -31.98 10.76
CA ILE B 56 10.90 -30.91 10.49
C ILE B 56 11.76 -31.23 9.27
N ASN B 57 11.69 -30.38 8.24
CA ASN B 57 12.67 -30.45 7.17
C ASN B 57 13.87 -29.55 7.49
N TYR B 58 15.06 -30.00 7.10
CA TYR B 58 16.22 -29.11 7.05
C TYR B 58 17.00 -29.45 5.78
N MSE B 59 17.76 -28.49 5.27
CA MSE B 59 18.41 -28.62 3.97
C MSE B 59 19.80 -29.25 4.05
O MSE B 59 20.18 -30.06 3.19
CB MSE B 59 18.50 -27.23 3.33
CG MSE B 59 19.36 -27.14 2.08
SE MSE B 59 18.54 -27.99 0.55
CE MSE B 59 19.52 -27.09 -0.87
N ALA B 60 20.56 -28.88 5.07
CA ALA B 60 21.96 -29.28 5.15
C ALA B 60 22.31 -29.78 6.55
N SER B 61 23.00 -28.97 7.35
CA SER B 61 23.35 -29.39 8.71
C SER B 61 22.10 -29.73 9.54
N SER B 62 22.17 -30.83 10.28
CA SER B 62 21.06 -31.31 11.09
C SER B 62 21.11 -30.86 12.54
N GLU B 63 22.15 -30.12 12.92
CA GLU B 63 22.41 -29.88 14.33
C GLU B 63 21.23 -29.21 15.04
N GLY B 64 20.71 -28.13 14.46
CA GLY B 64 19.61 -27.40 15.06
C GLY B 64 18.30 -28.16 15.04
N ALA B 65 18.05 -28.87 13.95
CA ALA B 65 16.83 -29.66 13.85
C ALA B 65 16.86 -30.83 14.85
N ASP B 66 18.00 -31.53 14.90
CA ASP B 66 18.14 -32.66 15.82
C ASP B 66 18.03 -32.24 17.30
N SER B 67 18.62 -31.12 17.66
CA SER B 67 18.55 -30.69 19.05
C SER B 67 17.14 -30.24 19.40
N ALA B 68 16.42 -29.69 18.43
CA ALA B 68 15.01 -29.34 18.64
C ALA B 68 14.19 -30.62 18.87
N VAL B 69 14.41 -31.64 18.05
CA VAL B 69 13.75 -32.92 18.25
C VAL B 69 14.04 -33.48 19.64
N ALA B 70 15.30 -33.44 20.06
CA ALA B 70 15.68 -33.95 21.37
C ALA B 70 15.01 -33.15 22.50
N GLU B 71 14.97 -31.83 22.35
CA GLU B 71 14.34 -30.99 23.37
C GLU B 71 12.84 -31.28 23.47
N ILE B 72 12.19 -31.43 22.32
CA ILE B 72 10.76 -31.72 22.26
C ILE B 72 10.44 -33.08 22.88
N LYS B 73 11.22 -34.08 22.52
CA LYS B 73 11.03 -35.43 23.08
C LYS B 73 11.27 -35.45 24.58
N ALA B 74 12.27 -34.73 25.05
CA ALA B 74 12.60 -34.70 26.47
C ALA B 74 11.46 -34.09 27.28
N ALA B 75 10.61 -33.31 26.62
CA ALA B 75 9.48 -32.67 27.28
C ALA B 75 8.18 -33.44 27.03
N GLY B 76 8.31 -34.65 26.51
CA GLY B 76 7.15 -35.52 26.31
C GLY B 76 6.42 -35.36 24.99
N GLY B 77 7.00 -34.58 24.08
CA GLY B 77 6.38 -34.35 22.79
C GLY B 77 6.85 -35.33 21.73
N ASN B 78 6.45 -35.05 20.49
CA ASN B 78 6.80 -35.92 19.36
C ASN B 78 7.28 -35.08 18.18
N ALA B 79 8.41 -35.47 17.59
CA ALA B 79 8.95 -34.77 16.43
C ALA B 79 9.96 -35.64 15.70
N PHE B 80 10.20 -35.35 14.44
CA PHE B 80 11.32 -35.95 13.73
C PHE B 80 11.89 -34.91 12.78
N ALA B 81 13.12 -35.16 12.35
CA ALA B 81 13.82 -34.29 11.41
C ALA B 81 14.30 -35.10 10.21
N LEU B 82 14.06 -34.57 9.02
CA LEU B 82 14.42 -35.24 7.77
C LEU B 82 15.11 -34.27 6.84
N GLN B 83 16.31 -34.63 6.37
CA GLN B 83 17.03 -33.77 5.44
C GLN B 83 16.41 -33.83 4.05
N GLY B 84 16.27 -32.67 3.41
CA GLY B 84 15.76 -32.66 2.05
C GLY B 84 15.81 -31.27 1.42
N ASP B 85 15.80 -31.28 0.09
CA ASP B 85 15.78 -30.07 -0.75
C ASP B 85 14.34 -29.82 -1.19
N MSE B 86 13.74 -28.74 -0.69
CA MSE B 86 12.32 -28.49 -0.94
C MSE B 86 12.03 -27.94 -2.34
O MSE B 86 10.89 -27.66 -2.66
CB MSE B 86 11.77 -27.53 0.13
CG MSE B 86 11.84 -28.11 1.55
SE MSE B 86 10.73 -29.69 1.84
CE MSE B 86 11.94 -31.10 1.25
N THR B 87 13.07 -27.84 -3.18
CA THR B 87 12.86 -27.54 -4.59
C THR B 87 12.77 -28.83 -5.43
N LYS B 88 12.97 -29.97 -4.76
CA LYS B 88 12.94 -31.27 -5.43
C LYS B 88 11.66 -32.04 -5.13
N GLU B 89 10.95 -32.42 -6.19
CA GLU B 89 9.69 -33.13 -6.02
C GLU B 89 9.81 -34.39 -5.17
N ALA B 90 10.90 -35.16 -5.34
CA ALA B 90 11.05 -36.39 -4.58
C ALA B 90 11.21 -36.12 -3.08
N ASP B 91 11.94 -35.05 -2.72
CA ASP B 91 12.19 -34.76 -1.31
C ASP B 91 10.93 -34.20 -0.65
N VAL B 92 10.20 -33.39 -1.39
CA VAL B 92 8.92 -32.88 -0.93
C VAL B 92 7.97 -34.05 -0.64
N ALA B 93 7.88 -34.99 -1.58
CA ALA B 93 7.03 -36.16 -1.40
C ALA B 93 7.48 -36.99 -0.19
N ALA B 94 8.79 -37.20 -0.03
CA ALA B 94 9.28 -37.99 1.09
C ALA B 94 8.91 -37.38 2.45
N LEU B 95 9.00 -36.06 2.56
CA LEU B 95 8.70 -35.41 3.82
C LEU B 95 7.23 -35.56 4.20
N VAL B 96 6.36 -35.32 3.22
CA VAL B 96 4.93 -35.39 3.51
C VAL B 96 4.51 -36.84 3.75
N GLU B 97 5.05 -37.78 2.98
CA GLU B 97 4.73 -39.20 3.18
C GLU B 97 5.10 -39.67 4.59
N LYS B 98 6.31 -39.31 5.06
CA LYS B 98 6.73 -39.73 6.38
C LYS B 98 5.89 -39.08 7.47
N THR B 99 5.55 -37.81 7.27
CA THR B 99 4.66 -37.11 8.20
C THR B 99 3.33 -37.83 8.35
N VAL B 100 2.72 -38.20 7.24
CA VAL B 100 1.42 -38.85 7.28
C VAL B 100 1.52 -40.26 7.88
N LYS B 101 2.58 -40.99 7.59
CA LYS B 101 2.75 -42.32 8.20
C LYS B 101 2.99 -42.24 9.71
N GLU B 102 3.86 -41.33 10.15
CA GLU B 102 4.18 -41.28 11.57
C GLU B 102 3.07 -40.58 12.38
N PHE B 103 2.48 -39.51 11.84
CA PHE B 103 1.56 -38.69 12.62
C PHE B 103 0.11 -38.67 12.13
N GLY B 104 -0.12 -39.07 10.90
CA GLY B 104 -1.44 -38.93 10.32
C GLY B 104 -1.56 -37.63 9.54
N GLN B 105 -2.79 -37.13 9.41
CA GLN B 105 -3.08 -35.98 8.58
C GLN B 105 -2.41 -34.68 9.03
N VAL B 106 -2.12 -33.82 8.07
CA VAL B 106 -1.43 -32.54 8.29
C VAL B 106 -2.41 -31.45 8.69
N ASP B 107 -2.16 -30.81 9.83
CA ASP B 107 -3.04 -29.73 10.31
C ASP B 107 -2.48 -28.36 9.97
N THR B 108 -1.17 -28.25 9.88
CA THR B 108 -0.61 -26.97 9.48
C THR B 108 0.76 -27.12 8.80
N LEU B 109 1.01 -26.23 7.86
CA LEU B 109 2.27 -26.16 7.14
C LEU B 109 2.84 -24.78 7.40
N VAL B 110 4.06 -24.72 7.92
CA VAL B 110 4.78 -23.46 8.06
C VAL B 110 6.01 -23.58 7.19
N HIS B 111 6.04 -22.84 6.09
CA HIS B 111 7.09 -23.00 5.09
C HIS B 111 8.16 -21.93 5.21
N VAL B 112 9.29 -22.25 5.83
CA VAL B 112 10.33 -21.25 6.11
C VAL B 112 11.51 -21.37 5.13
N THR B 113 11.43 -22.30 4.20
CA THR B 113 12.41 -22.37 3.12
C THR B 113 12.43 -21.08 2.31
N GLY B 114 13.62 -20.57 2.03
CA GLY B 114 13.75 -19.35 1.26
C GLY B 114 15.15 -18.78 1.35
N GLY B 115 15.36 -17.61 0.76
CA GLY B 115 16.65 -16.94 0.86
C GLY B 115 16.99 -16.06 -0.33
N LEU B 116 17.87 -15.09 -0.08
CA LEU B 116 18.30 -14.14 -1.10
C LEU B 116 19.25 -14.78 -2.12
N ILE B 117 20.02 -15.78 -1.66
CA ILE B 117 21.08 -16.47 -2.40
C ILE B 117 22.29 -15.59 -2.73
N ALA B 118 22.10 -14.50 -3.45
CA ALA B 118 23.20 -13.59 -3.75
C ALA B 118 22.67 -12.25 -4.23
N ARG B 119 23.45 -11.19 -4.05
CA ARG B 119 23.10 -9.86 -4.56
C ARG B 119 23.63 -9.68 -5.97
N VAL B 120 22.73 -9.37 -6.90
CA VAL B 120 23.04 -9.24 -8.31
C VAL B 120 22.14 -8.15 -8.90
N THR B 121 22.72 -7.20 -9.63
CA THR B 121 21.90 -6.16 -10.27
C THR B 121 21.23 -6.72 -11.51
N MSE B 122 20.14 -6.06 -11.91
CA MSE B 122 19.43 -6.49 -13.10
C MSE B 122 20.35 -6.45 -14.34
O MSE B 122 20.25 -7.31 -15.22
CB MSE B 122 18.20 -5.60 -13.32
CG MSE B 122 17.33 -6.03 -14.50
SE MSE B 122 16.70 -7.89 -14.46
CE MSE B 122 15.53 -7.76 -12.92
N SER B 123 21.23 -5.47 -14.40
CA SER B 123 22.11 -5.36 -15.56
C SER B 123 22.96 -6.62 -15.80
N GLU B 124 23.27 -7.33 -14.72
CA GLU B 124 24.13 -8.52 -14.79
C GLU B 124 23.39 -9.79 -14.36
N MSE B 125 22.06 -9.71 -14.36
CA MSE B 125 21.22 -10.84 -14.01
C MSE B 125 21.46 -12.01 -14.97
O MSE B 125 21.68 -11.81 -16.16
CB MSE B 125 19.75 -10.40 -14.04
CG MSE B 125 18.75 -11.47 -13.63
SE MSE B 125 19.02 -12.10 -11.79
CE MSE B 125 18.80 -10.39 -10.88
N THR B 126 21.43 -13.22 -14.44
CA THR B 126 21.43 -14.41 -15.28
C THR B 126 20.11 -15.15 -15.05
N LEU B 127 19.68 -15.91 -16.06
CA LEU B 127 18.50 -16.75 -15.90
C LEU B 127 18.71 -17.76 -14.78
N ASP B 128 19.91 -18.31 -14.69
CA ASP B 128 20.21 -19.31 -13.66
C ASP B 128 19.95 -18.74 -12.28
N HIS B 129 20.46 -17.53 -12.02
CA HIS B 129 20.25 -16.93 -10.71
C HIS B 129 18.78 -16.61 -10.46
N TRP B 130 18.13 -15.98 -11.44
CA TRP B 130 16.72 -15.64 -11.34
C TRP B 130 15.92 -16.89 -10.96
N GLN B 131 16.10 -17.96 -11.72
CA GLN B 131 15.35 -19.17 -11.50
C GLN B 131 15.65 -19.81 -10.15
N SER B 132 16.90 -19.72 -9.73
N SER B 132 16.91 -19.70 -9.73
CA SER B 132 17.29 -20.28 -8.42
CA SER B 132 17.32 -20.25 -8.44
C SER B 132 16.55 -19.57 -7.29
C SER B 132 16.61 -19.57 -7.29
N VAL B 133 16.48 -18.25 -7.37
CA VAL B 133 15.81 -17.48 -6.33
C VAL B 133 14.30 -17.78 -6.36
N MSE B 134 13.71 -17.84 -7.55
CA MSE B 134 12.30 -18.21 -7.66
C MSE B 134 12.05 -19.59 -7.07
O MSE B 134 11.06 -19.82 -6.38
CB MSE B 134 11.83 -18.23 -9.11
CG MSE B 134 11.81 -16.88 -9.82
SE MSE B 134 10.74 -15.48 -9.00
CE MSE B 134 12.27 -14.36 -8.56
N ASP B 135 12.95 -20.54 -7.33
CA ASP B 135 12.73 -21.90 -6.88
C ASP B 135 12.82 -22.04 -5.37
N VAL B 136 13.84 -21.45 -4.74
CA VAL B 136 13.99 -21.69 -3.31
C VAL B 136 12.88 -20.97 -2.52
N ASN B 137 12.42 -19.80 -3.01
CA ASN B 137 11.42 -19.01 -2.30
C ASN B 137 9.98 -19.33 -2.66
N LEU B 138 9.73 -19.61 -3.94
CA LEU B 138 8.37 -19.71 -4.44
C LEU B 138 7.98 -21.11 -4.91
N THR B 139 8.78 -21.71 -5.80
CA THR B 139 8.47 -23.04 -6.31
C THR B 139 8.40 -24.04 -5.15
N SER B 140 9.31 -23.90 -4.19
CA SER B 140 9.33 -24.77 -3.02
C SER B 140 8.00 -24.73 -2.27
N PHE B 141 7.41 -23.52 -2.16
CA PHE B 141 6.12 -23.34 -1.49
C PHE B 141 5.00 -24.00 -2.28
N VAL B 142 5.00 -23.79 -3.60
CA VAL B 142 4.06 -24.43 -4.50
C VAL B 142 4.10 -25.96 -4.35
N LEU B 143 5.32 -26.51 -4.35
CA LEU B 143 5.48 -27.96 -4.25
C LEU B 143 4.97 -28.47 -2.91
N MSE B 144 5.27 -27.78 -1.83
CA MSE B 144 4.82 -28.23 -0.52
C MSE B 144 3.32 -28.11 -0.35
O MSE B 144 2.70 -29.01 0.21
CB MSE B 144 5.53 -27.45 0.59
CG MSE B 144 6.92 -27.97 0.92
SE MSE B 144 6.94 -29.85 1.53
CE MSE B 144 5.68 -29.70 2.97
N VAL B 145 2.72 -27.03 -0.84
CA VAL B 145 1.27 -26.92 -0.73
C VAL B 145 0.58 -28.00 -1.54
N ARG B 146 1.00 -28.19 -2.78
CA ARG B 146 0.42 -29.23 -3.61
C ARG B 146 0.53 -30.60 -2.93
N GLU B 147 1.70 -30.89 -2.37
CA GLU B 147 1.92 -32.20 -1.74
C GLU B 147 1.05 -32.39 -0.50
N CYS B 148 0.83 -31.32 0.24
CA CYS B 148 0.06 -31.38 1.50
C CYS B 148 -1.45 -31.46 1.31
N LEU B 149 -1.96 -30.86 0.23
CA LEU B 149 -3.42 -30.71 0.08
C LEU B 149 -4.24 -31.99 0.31
N PRO B 150 -3.84 -33.13 -0.28
CA PRO B 150 -4.69 -34.32 -0.06
C PRO B 150 -4.76 -34.78 1.40
N HIS B 151 -3.83 -34.32 2.21
CA HIS B 151 -3.68 -34.80 3.57
C HIS B 151 -4.10 -33.78 4.61
N MSE B 152 -4.62 -32.65 4.16
CA MSE B 152 -4.92 -31.61 5.11
C MSE B 152 -6.29 -31.77 5.70
O MSE B 152 -7.23 -32.20 5.02
CB MSE B 152 -4.74 -30.23 4.49
CG MSE B 152 -3.25 -29.89 4.51
SE MSE B 152 -2.89 -28.05 4.15
CE MSE B 152 -1.51 -27.78 5.49
N THR B 153 -6.38 -31.45 6.98
CA THR B 153 -7.59 -31.62 7.75
C THR B 153 -8.57 -30.46 7.54
N GLU B 154 -9.82 -30.70 7.92
CA GLU B 154 -10.78 -29.61 8.04
C GLU B 154 -10.30 -28.65 9.13
N GLY B 155 -10.24 -27.36 8.82
CA GLY B 155 -9.74 -26.38 9.78
C GLY B 155 -8.23 -26.26 9.83
N SER B 156 -7.55 -26.68 8.76
CA SER B 156 -6.10 -26.62 8.72
C SER B 156 -5.62 -25.27 8.21
N SER B 157 -4.31 -25.08 8.20
CA SER B 157 -3.76 -23.80 7.81
C SER B 157 -2.38 -23.91 7.18
N ILE B 158 -2.05 -22.92 6.37
CA ILE B 158 -0.77 -22.76 5.73
C ILE B 158 -0.24 -21.39 6.10
N VAL B 159 1.04 -21.35 6.49
CA VAL B 159 1.72 -20.11 6.78
C VAL B 159 2.96 -20.00 5.91
N GLY B 160 3.01 -18.96 5.07
CA GLY B 160 4.17 -18.70 4.25
C GLY B 160 5.08 -17.66 4.86
N LEU B 161 6.34 -17.67 4.42
CA LEU B 161 7.30 -16.68 4.88
C LEU B 161 7.62 -15.75 3.73
N ALA B 162 6.92 -14.63 3.68
CA ALA B 162 7.23 -13.61 2.69
C ALA B 162 8.27 -12.69 3.30
N SER B 163 8.18 -11.39 3.01
CA SER B 163 9.17 -10.44 3.47
C SER B 163 8.66 -9.03 3.28
N GLN B 164 9.18 -8.09 4.07
CA GLN B 164 9.04 -6.68 3.75
C GLN B 164 9.46 -6.40 2.30
N ALA B 165 10.42 -7.18 1.79
CA ALA B 165 10.88 -7.01 0.41
C ALA B 165 9.76 -7.18 -0.61
N GLY B 166 8.75 -7.97 -0.27
CA GLY B 166 7.59 -8.10 -1.15
C GLY B 166 6.86 -6.78 -1.29
N ARG B 167 6.86 -5.98 -0.22
CA ARG B 167 6.17 -4.70 -0.24
C ARG B 167 7.01 -3.53 -0.78
N ASP B 168 8.33 -3.58 -0.61
CA ASP B 168 9.11 -2.41 -1.04
C ASP B 168 10.13 -2.73 -2.13
N GLY B 169 10.11 -3.95 -2.64
CA GLY B 169 11.04 -4.33 -3.70
C GLY B 169 12.34 -4.95 -3.23
N GLY B 170 12.67 -4.78 -1.94
CA GLY B 170 13.86 -5.39 -1.39
C GLY B 170 15.06 -4.47 -1.44
N GLY B 171 16.18 -4.97 -0.93
CA GLY B 171 17.40 -4.20 -0.80
C GLY B 171 18.26 -4.23 -2.05
N PRO B 172 19.45 -3.60 -1.98
CA PRO B 172 20.34 -3.52 -3.12
C PRO B 172 20.74 -4.90 -3.66
N GLY B 173 20.52 -5.11 -4.95
CA GLY B 173 20.85 -6.36 -5.60
C GLY B 173 19.91 -7.51 -5.30
N ALA B 174 18.78 -7.21 -4.64
CA ALA B 174 17.84 -8.24 -4.23
C ALA B 174 16.56 -8.25 -5.05
N SER B 175 16.60 -7.76 -6.28
CA SER B 175 15.35 -7.63 -7.05
C SER B 175 14.66 -8.99 -7.26
N ALA B 176 15.44 -10.04 -7.50
CA ALA B 176 14.88 -11.36 -7.67
C ALA B 176 14.21 -11.85 -6.38
N TYR B 177 14.89 -11.62 -5.26
CA TYR B 177 14.33 -12.02 -3.97
C TYR B 177 13.01 -11.30 -3.69
N GLY B 178 13.00 -9.98 -3.87
CA GLY B 178 11.77 -9.23 -3.72
C GLY B 178 10.66 -9.78 -4.60
N ALA B 179 10.96 -10.02 -5.88
CA ALA B 179 9.96 -10.53 -6.79
C ALA B 179 9.37 -11.84 -6.31
N SER B 180 10.23 -12.74 -5.83
CA SER B 180 9.75 -14.04 -5.36
C SER B 180 8.86 -13.90 -4.13
N LYS B 181 9.18 -12.95 -3.25
CA LYS B 181 8.34 -12.73 -2.07
C LYS B 181 7.03 -12.03 -2.42
N GLY B 182 7.05 -11.14 -3.41
CA GLY B 182 5.82 -10.51 -3.86
C GLY B 182 4.89 -11.54 -4.47
N ALA B 183 5.46 -12.50 -5.19
CA ALA B 183 4.66 -13.57 -5.76
C ALA B 183 4.00 -14.39 -4.66
N LEU B 184 4.78 -14.67 -3.61
CA LEU B 184 4.26 -15.43 -2.47
C LEU B 184 3.13 -14.68 -1.77
N MSE B 185 3.27 -13.37 -1.63
CA MSE B 185 2.19 -12.58 -1.04
C MSE B 185 0.89 -12.70 -1.84
O MSE B 185 -0.19 -12.89 -1.26
CB MSE B 185 2.59 -11.12 -0.93
CG MSE B 185 3.70 -10.86 0.07
SE MSE B 185 4.20 -9.01 0.15
CE MSE B 185 2.46 -8.26 0.55
N THR B 186 0.99 -12.57 -3.16
CA THR B 186 -0.20 -12.67 -3.97
C THR B 186 -0.76 -14.09 -3.95
N LEU B 187 0.11 -15.08 -4.04
CA LEU B 187 -0.31 -16.47 -4.02
C LEU B 187 -1.09 -16.81 -2.73
N THR B 188 -0.65 -16.20 -1.64
CA THR B 188 -1.33 -16.33 -0.35
C THR B 188 -2.81 -15.94 -0.49
N ARG B 189 -3.06 -14.84 -1.19
CA ARG B 189 -4.41 -14.36 -1.42
C ARG B 189 -5.17 -15.32 -2.34
N GLY B 190 -4.51 -15.73 -3.43
CA GLY B 190 -5.14 -16.63 -4.38
C GLY B 190 -5.54 -17.94 -3.71
N LEU B 191 -4.64 -18.48 -2.89
CA LEU B 191 -4.92 -19.76 -2.24
C LEU B 191 -5.92 -19.63 -1.10
N ALA B 192 -5.93 -18.48 -0.42
CA ALA B 192 -6.96 -18.26 0.60
C ALA B 192 -8.35 -18.40 -0.01
N LYS B 193 -8.53 -17.90 -1.24
CA LYS B 193 -9.82 -18.03 -1.91
C LYS B 193 -10.04 -19.45 -2.42
N GLU B 194 -9.03 -20.01 -3.08
CA GLU B 194 -9.18 -21.32 -3.68
C GLU B 194 -9.40 -22.42 -2.64
N LEU B 195 -8.71 -22.30 -1.51
CA LEU B 195 -8.69 -23.39 -0.53
C LEU B 195 -9.65 -23.20 0.64
N GLY B 196 -10.20 -22.00 0.81
CA GLY B 196 -11.21 -21.79 1.84
C GLY B 196 -12.52 -22.46 1.45
N PRO B 197 -13.36 -22.81 2.43
CA PRO B 197 -13.19 -22.61 3.87
C PRO B 197 -12.40 -23.69 4.59
N LYS B 198 -12.01 -24.75 3.91
CA LYS B 198 -11.34 -25.86 4.57
C LYS B 198 -10.00 -25.42 5.17
N ILE B 199 -9.26 -24.60 4.43
CA ILE B 199 -7.87 -24.27 4.74
C ILE B 199 -7.67 -22.76 4.72
N ARG B 200 -7.07 -22.21 5.78
CA ARG B 200 -6.66 -20.80 5.78
C ARG B 200 -5.23 -20.68 5.27
N VAL B 201 -4.93 -19.56 4.62
CA VAL B 201 -3.60 -19.32 4.07
C VAL B 201 -3.18 -17.89 4.39
N ASN B 202 -2.08 -17.74 5.11
CA ASN B 202 -1.57 -16.42 5.46
C ASN B 202 -0.07 -16.44 5.34
N SER B 203 0.55 -15.26 5.21
CA SER B 203 2.00 -15.18 5.24
C SER B 203 2.50 -14.05 6.13
N LEU B 204 3.77 -14.14 6.49
CA LEU B 204 4.43 -13.11 7.28
C LEU B 204 5.34 -12.27 6.41
N CYS B 205 5.43 -10.98 6.73
CA CYS B 205 6.31 -10.08 6.01
C CYS B 205 7.33 -9.47 6.95
N PRO B 206 8.37 -10.25 7.30
CA PRO B 206 9.35 -9.73 8.27
C PRO B 206 10.26 -8.66 7.69
N GLY B 207 10.62 -7.71 8.54
CA GLY B 207 11.66 -6.74 8.24
C GLY B 207 13.02 -7.31 8.62
N MSE B 208 13.84 -6.48 9.27
CA MSE B 208 15.17 -6.89 9.64
C MSE B 208 15.15 -7.83 10.85
O MSE B 208 14.80 -7.42 11.95
CB MSE B 208 16.02 -5.67 9.98
CG MSE B 208 16.24 -4.69 8.85
SE MSE B 208 17.30 -3.22 9.53
CE MSE B 208 18.85 -4.29 10.06
N ILE B 209 15.53 -9.09 10.63
CA ILE B 209 15.60 -10.08 11.69
C ILE B 209 17.07 -10.42 11.92
N ASP B 210 17.47 -10.63 13.17
CA ASP B 210 18.89 -10.69 13.52
C ASP B 210 19.63 -11.96 13.09
N THR B 211 18.93 -12.88 12.42
CA THR B 211 19.48 -14.19 12.04
C THR B 211 20.85 -14.10 11.38
N ALA B 227 18.30 -0.34 12.26
CA ALA B 227 17.79 -0.86 13.52
C ALA B 227 17.29 0.27 14.40
N ASN B 228 18.18 1.20 14.75
CA ASN B 228 17.78 2.37 15.54
C ASN B 228 17.27 3.49 14.64
N VAL B 229 16.96 3.13 13.40
CA VAL B 229 16.20 3.98 12.51
C VAL B 229 14.72 3.57 12.65
N SER B 230 14.51 2.34 13.11
CA SER B 230 13.17 1.80 13.27
C SER B 230 12.49 2.29 14.53
N PRO B 231 11.15 2.41 14.50
CA PRO B 231 10.42 2.84 15.69
C PRO B 231 10.70 1.99 16.93
N VAL B 232 10.88 0.68 16.77
CA VAL B 232 11.15 -0.18 17.93
C VAL B 232 12.63 -0.18 18.33
N LYS B 233 13.46 0.43 17.50
CA LYS B 233 14.88 0.65 17.80
C LYS B 233 15.67 -0.64 18.07
N ARG B 234 15.36 -1.69 17.32
CA ARG B 234 16.11 -2.94 17.40
C ARG B 234 15.81 -3.81 16.18
N GLU B 235 16.61 -4.85 15.98
CA GLU B 235 16.28 -5.87 15.00
C GLU B 235 15.29 -6.87 15.58
N GLY B 236 14.51 -7.51 14.72
CA GLY B 236 13.61 -8.54 15.17
C GLY B 236 14.36 -9.80 15.52
N THR B 237 13.69 -10.74 16.18
CA THR B 237 14.31 -12.02 16.50
C THR B 237 13.51 -13.13 15.83
N SER B 238 14.14 -14.29 15.71
CA SER B 238 13.44 -15.47 15.22
C SER B 238 12.21 -15.78 16.05
N GLU B 239 12.33 -15.55 17.36
CA GLU B 239 11.22 -15.79 18.27
C GLU B 239 10.04 -14.85 18.00
N ASP B 240 10.32 -13.57 17.71
CA ASP B 240 9.25 -12.64 17.32
C ASP B 240 8.44 -13.21 16.15
N VAL B 241 9.17 -13.68 15.14
CA VAL B 241 8.53 -14.18 13.94
C VAL B 241 7.75 -15.47 14.22
N ALA B 242 8.35 -16.35 15.02
CA ALA B 242 7.68 -17.60 15.38
C ALA B 242 6.36 -17.37 16.13
N LYS B 243 6.33 -16.36 17.00
CA LYS B 243 5.10 -16.07 17.73
C LYS B 243 3.98 -15.70 16.77
N LEU B 244 4.29 -14.89 15.76
CA LEU B 244 3.27 -14.51 14.77
C LEU B 244 2.89 -15.72 13.91
N ALA B 245 3.88 -16.50 13.51
CA ALA B 245 3.61 -17.68 12.68
C ALA B 245 2.66 -18.65 13.37
N VAL B 246 2.89 -18.93 14.64
CA VAL B 246 2.05 -19.90 15.33
C VAL B 246 0.67 -19.31 15.64
N PHE B 247 0.59 -18.00 15.91
CA PHE B 247 -0.71 -17.36 16.00
C PHE B 247 -1.53 -17.59 14.72
N LEU B 248 -0.93 -17.28 13.58
CA LEU B 248 -1.63 -17.41 12.30
C LEU B 248 -1.95 -18.88 11.97
N ALA B 249 -1.14 -19.81 12.48
CA ALA B 249 -1.37 -21.23 12.24
C ALA B 249 -2.51 -21.75 13.10
N SER B 250 -2.75 -21.08 14.22
CA SER B 250 -3.70 -21.55 15.24
C SER B 250 -5.15 -21.15 14.99
N ASP B 251 -6.05 -21.78 15.73
CA ASP B 251 -7.49 -21.47 15.70
C ASP B 251 -7.78 -20.06 16.24
N ASP B 252 -6.80 -19.45 16.89
CA ASP B 252 -6.97 -18.07 17.36
C ASP B 252 -6.97 -17.08 16.19
N ALA B 253 -6.68 -17.56 14.98
CA ALA B 253 -6.70 -16.74 13.79
C ALA B 253 -7.73 -17.28 12.78
N ALA B 254 -8.78 -17.92 13.29
CA ALA B 254 -9.78 -18.56 12.43
C ALA B 254 -10.49 -17.63 11.44
N PHE B 255 -10.53 -16.33 11.72
CA PHE B 255 -11.20 -15.39 10.81
C PHE B 255 -10.17 -14.57 10.03
N ILE B 256 -8.91 -15.00 10.06
CA ILE B 256 -7.85 -14.34 9.30
C ILE B 256 -7.38 -15.26 8.19
N THR B 257 -7.60 -14.86 6.94
CA THR B 257 -7.07 -15.62 5.83
C THR B 257 -6.78 -14.68 4.67
N GLY B 258 -5.75 -15.01 3.91
CA GLY B 258 -5.28 -14.13 2.85
C GLY B 258 -4.49 -12.93 3.33
N ALA B 259 -4.09 -12.92 4.60
CA ALA B 259 -3.32 -11.80 5.14
C ALA B 259 -1.83 -11.99 4.92
N ASN B 260 -1.14 -10.86 4.77
CA ASN B 260 0.30 -10.80 4.70
C ASN B 260 0.73 -9.83 5.78
N VAL B 261 1.08 -10.36 6.94
CA VAL B 261 1.16 -9.54 8.15
C VAL B 261 2.56 -8.96 8.34
N ASP B 262 2.64 -7.63 8.37
CA ASP B 262 3.91 -6.95 8.54
C ASP B 262 4.47 -7.11 9.95
N ILE B 263 5.72 -7.59 10.02
CA ILE B 263 6.40 -7.72 11.29
C ILE B 263 7.81 -7.14 11.08
N ASN B 264 7.89 -5.82 11.15
CA ASN B 264 9.09 -5.13 10.67
C ASN B 264 9.55 -4.00 11.59
N GLY B 265 9.03 -3.98 12.81
CA GLY B 265 9.47 -3.00 13.80
C GLY B 265 9.03 -1.58 13.47
N GLY B 266 8.04 -1.44 12.59
CA GLY B 266 7.55 -0.14 12.16
C GLY B 266 8.34 0.52 11.04
N MSE B 267 9.13 -0.27 10.32
CA MSE B 267 9.90 0.26 9.20
C MSE B 267 9.09 0.47 7.92
O MSE B 267 9.53 1.20 7.03
CB MSE B 267 11.06 -0.67 8.89
CG MSE B 267 12.21 -0.57 9.87
SE MSE B 267 13.06 1.20 9.87
CE MSE B 267 13.42 1.38 7.96
N LEU B 268 7.95 -0.19 7.83
CA LEU B 268 7.10 -0.07 6.65
C LEU B 268 5.66 -0.32 7.07
N PHE B 269 4.73 0.39 6.44
CA PHE B 269 3.31 0.28 6.76
C PHE B 269 2.50 -0.14 5.54
N SER B 270 1.47 -0.95 5.76
CA SER B 270 0.60 -1.34 4.67
C SER B 270 -0.86 -1.35 5.09
MG MG C . -10.68 -27.47 13.92
#